data_2QMM
#
_entry.id   2QMM
#
_cell.length_a   70.309
_cell.length_b   79.384
_cell.length_c   105.444
_cell.angle_alpha   90.00
_cell.angle_beta   90.00
_cell.angle_gamma   90.00
#
_symmetry.space_group_name_H-M   'P 21 21 21'
#
loop_
_entity.id
_entity.type
_entity.pdbx_description
1 polymer 'UPF0217 protein AF_1056'
2 non-polymer S-ADENOSYLMETHIONINE
3 water water
#
_entity_poly.entity_id   1
_entity_poly.type   'polypeptide(L)'
_entity_poly.pdbx_seq_one_letter_code
;SNAVRGFLIVGNKAFTQPFSLNDLPGAGRMDVLCRCTSQALFISHGIRRDVEVYLLLLGPPSPPKSILIKGDEVRRMSPD
ERNVAGHIKKALAVECGKSWKKVHSGVYVSRKGLEELIEELSEKYSIIYLKEDGVDISNAQLPPNPLFVIGDHEGLTEEQ
EKVVERYAALKLSLSPLSLLAEQCVVIAHHHLDRLQF
;
_entity_poly.pdbx_strand_id   A,B
#
# COMPACT_ATOMS: atom_id res chain seq x y z
N ALA A 3 -6.24 -12.38 20.63
CA ALA A 3 -5.30 -12.17 19.50
C ALA A 3 -5.26 -10.68 19.16
N VAL A 4 -4.07 -10.12 19.05
CA VAL A 4 -3.90 -8.71 18.71
C VAL A 4 -2.74 -8.63 17.71
N ARG A 5 -2.69 -7.55 16.94
CA ARG A 5 -1.61 -7.42 15.96
C ARG A 5 -1.05 -6.03 16.14
N GLY A 6 0.28 -5.89 16.10
CA GLY A 6 0.93 -4.59 16.28
C GLY A 6 1.99 -4.34 15.23
N PHE A 7 2.26 -3.06 14.90
CA PHE A 7 3.34 -2.66 13.96
C PHE A 7 4.10 -1.51 14.55
N LEU A 8 5.44 -1.56 14.45
CA LEU A 8 6.28 -0.46 14.87
C LEU A 8 7.09 -0.08 13.63
N ILE A 9 6.82 1.11 13.13
CA ILE A 9 7.52 1.59 11.94
C ILE A 9 8.53 2.63 12.38
N VAL A 10 9.80 2.45 12.00
CA VAL A 10 10.87 3.32 12.48
C VAL A 10 11.22 4.33 11.36
N GLY A 11 10.90 5.61 11.58
CA GLY A 11 11.12 6.67 10.59
C GLY A 11 12.36 7.44 10.99
N ASN A 12 13.52 7.02 10.51
CA ASN A 12 14.77 7.61 11.02
C ASN A 12 14.95 9.09 10.67
N LYS A 13 14.21 9.52 9.65
CA LYS A 13 14.31 10.90 9.15
C LYS A 13 13.06 11.73 9.37
N ALA A 14 12.00 11.08 9.86
CA ALA A 14 10.65 11.67 9.88
C ALA A 14 10.57 12.88 10.81
N PHE A 15 10.00 13.97 10.32
CA PHE A 15 9.96 15.22 11.08
C PHE A 15 9.24 15.06 12.38
N THR A 16 9.63 15.84 13.38
CA THR A 16 9.02 15.77 14.70
C THR A 16 8.29 17.06 15.17
N GLN A 17 7.96 17.91 14.21
CA GLN A 17 7.05 19.02 14.46
C GLN A 17 6.08 19.13 13.26
N PRO A 18 4.98 19.90 13.41
CA PRO A 18 4.08 20.06 12.24
C PRO A 18 4.84 20.38 10.94
N PHE A 19 4.35 19.88 9.82
CA PHE A 19 5.05 19.93 8.53
C PHE A 19 4.05 20.24 7.41
N SER A 20 4.53 20.51 6.21
CA SER A 20 3.60 20.89 5.13
C SER A 20 2.93 19.68 4.50
N LEU A 21 1.62 19.73 4.36
CA LEU A 21 0.90 18.56 3.84
C LEU A 21 1.05 18.31 2.36
N ASN A 22 1.60 19.29 1.63
CA ASN A 22 1.74 19.16 0.19
C ASN A 22 3.02 18.41 -0.16
N ASP A 23 3.91 18.17 0.82
CA ASP A 23 5.19 17.53 0.51
C ASP A 23 5.57 16.47 1.57
N LEU A 24 4.90 15.32 1.50
CA LEU A 24 5.07 14.32 2.51
C LEU A 24 6.44 13.69 2.44
N PRO A 25 6.96 13.37 1.22
CA PRO A 25 8.35 12.87 1.17
C PRO A 25 9.39 13.84 1.71
N GLY A 26 9.17 15.14 1.51
CA GLY A 26 10.10 16.15 2.00
C GLY A 26 10.11 16.33 3.50
N ALA A 27 9.11 15.80 4.21
CA ALA A 27 9.10 15.85 5.66
C ALA A 27 9.80 14.59 6.26
N GLY A 28 10.93 14.20 5.66
CA GLY A 28 11.75 13.09 6.17
C GLY A 28 11.10 11.74 5.88
N ARG A 29 10.55 11.63 4.67
CA ARG A 29 9.89 10.41 4.13
C ARG A 29 8.69 10.08 5.02
N MET A 30 7.93 11.11 5.34
CA MET A 30 6.70 10.94 6.11
C MET A 30 5.69 10.10 5.34
N ASP A 31 5.75 10.14 4.00
CA ASP A 31 4.85 9.34 3.16
C ASP A 31 4.96 7.84 3.45
N VAL A 32 6.17 7.38 3.80
CA VAL A 32 6.36 5.94 4.08
C VAL A 32 5.52 5.63 5.33
N LEU A 33 5.64 6.47 6.34
CA LEU A 33 4.91 6.25 7.60
C LEU A 33 3.39 6.24 7.37
N CYS A 34 2.91 7.18 6.55
CA CYS A 34 1.49 7.23 6.18
C CYS A 34 1.04 5.96 5.48
N ARG A 35 1.83 5.47 4.52
CA ARG A 35 1.43 4.26 3.77
C ARG A 35 1.36 3.04 4.68
N CYS A 36 2.36 2.91 5.58
CA CYS A 36 2.40 1.75 6.49
C CYS A 36 1.17 1.83 7.42
N THR A 37 0.84 3.02 7.90
CA THR A 37 -0.30 3.17 8.84
C THR A 37 -1.59 2.71 8.16
N SER A 38 -1.80 3.20 6.93
CA SER A 38 -2.96 2.85 6.16
C SER A 38 -3.04 1.34 5.90
N GLN A 39 -1.96 0.74 5.42
CA GLN A 39 -1.96 -0.69 5.13
C GLN A 39 -2.09 -1.57 6.39
N ALA A 40 -1.69 -1.05 7.55
CA ALA A 40 -1.80 -1.78 8.85
C ALA A 40 -3.24 -1.85 9.31
N LEU A 41 -3.97 -0.76 9.06
CA LEU A 41 -5.30 -0.52 9.64
C LEU A 41 -6.47 -0.91 8.75
N PHE A 42 -6.38 -0.65 7.44
CA PHE A 42 -7.58 -0.73 6.59
C PHE A 42 -7.70 -1.99 5.76
N ILE A 43 -8.95 -2.47 5.70
CA ILE A 43 -9.37 -3.40 4.70
C ILE A 43 -10.66 -2.90 4.02
N SER A 44 -11.26 -3.71 3.17
CA SER A 44 -12.27 -3.13 2.30
C SER A 44 -13.48 -2.59 3.11
N HIS A 45 -13.81 -3.29 4.20
CA HIS A 45 -14.95 -2.91 5.08
C HIS A 45 -14.68 -1.81 6.10
N GLY A 46 -13.41 -1.46 6.30
CA GLY A 46 -13.07 -0.48 7.32
C GLY A 46 -11.82 -0.88 8.06
N ILE A 47 -11.79 -0.57 9.33
CA ILE A 47 -10.53 -0.70 10.11
C ILE A 47 -10.50 -2.05 10.81
N ARG A 48 -9.30 -2.65 10.84
CA ARG A 48 -9.08 -3.87 11.60
C ARG A 48 -9.03 -3.47 13.09
N ARG A 49 -10.01 -3.89 13.88
CA ARG A 49 -10.06 -3.39 15.26
C ARG A 49 -9.07 -4.02 16.29
N ASP A 50 -8.31 -5.04 15.87
CA ASP A 50 -7.33 -5.68 16.78
C ASP A 50 -5.91 -5.19 16.51
N VAL A 51 -5.79 -4.09 15.75
CA VAL A 51 -4.47 -3.57 15.35
C VAL A 51 -4.06 -2.29 16.11
N GLU A 52 -2.78 -2.19 16.45
CA GLU A 52 -2.21 -0.91 16.87
C GLU A 52 -1.01 -0.61 15.97
N VAL A 53 -0.86 0.66 15.61
CA VAL A 53 0.25 1.13 14.82
C VAL A 53 1.06 2.04 15.72
N TYR A 54 2.36 1.77 15.83
CA TYR A 54 3.26 2.64 16.57
C TYR A 54 4.25 3.21 15.56
N LEU A 55 4.37 4.52 15.51
CA LEU A 55 5.32 5.19 14.60
C LEU A 55 6.37 5.85 15.48
N LEU A 56 7.63 5.65 15.14
CA LEU A 56 8.76 6.27 15.84
C LEU A 56 9.40 7.24 14.86
N LEU A 57 9.43 8.50 15.26
CA LEU A 57 9.90 9.56 14.39
C LEU A 57 11.16 10.19 15.01
N LEU A 58 12.25 10.08 14.30
CA LEU A 58 13.54 10.47 14.84
C LEU A 58 14.18 11.66 14.12
N GLY A 59 13.44 12.26 13.20
CA GLY A 59 13.97 13.39 12.44
C GLY A 59 13.89 14.69 13.24
N PRO A 60 14.40 15.80 12.67
CA PRO A 60 14.35 17.09 13.36
C PRO A 60 12.93 17.71 13.43
N PRO A 61 12.72 18.70 14.31
CA PRO A 61 13.72 19.32 15.20
C PRO A 61 13.73 18.81 16.64
N SER A 62 12.77 17.98 17.03
CA SER A 62 12.62 17.64 18.43
C SER A 62 12.44 16.13 18.69
N PRO A 63 13.38 15.28 18.21
CA PRO A 63 13.21 13.82 18.40
C PRO A 63 13.63 13.35 19.79
N PRO A 64 13.20 12.13 20.24
CA PRO A 64 12.28 11.25 19.54
C PRO A 64 10.85 11.64 19.85
N LYS A 65 9.95 11.31 18.92
CA LYS A 65 8.54 11.34 19.27
C LYS A 65 7.97 10.03 18.76
N SER A 66 6.96 9.52 19.45
CA SER A 66 6.30 8.36 18.95
C SER A 66 4.78 8.55 18.97
N ILE A 67 4.11 7.87 18.05
CA ILE A 67 2.67 8.03 17.90
C ILE A 67 2.02 6.66 17.94
N LEU A 68 0.96 6.54 18.72
CA LEU A 68 0.17 5.33 18.76
C LEU A 68 -1.21 5.60 18.16
N ILE A 69 -1.61 4.78 17.19
CA ILE A 69 -2.97 4.78 16.61
C ILE A 69 -3.62 3.44 16.92
N LYS A 70 -4.76 3.48 17.64
CA LYS A 70 -5.44 2.29 18.07
C LYS A 70 -6.59 2.05 17.12
N GLY A 71 -6.48 0.97 16.35
CA GLY A 71 -7.52 0.52 15.41
C GLY A 71 -8.91 0.47 16.04
N ASP A 72 -9.00 0.08 17.32
CA ASP A 72 -10.32 -0.06 17.94
C ASP A 72 -10.97 1.27 18.40
N GLU A 73 -10.23 2.37 18.36
CA GLU A 73 -10.74 3.65 18.83
C GLU A 73 -10.75 4.78 17.81
N VAL A 74 -9.92 4.66 16.79
CA VAL A 74 -9.72 5.77 15.90
C VAL A 74 -11.01 6.00 15.07
N ARG A 75 -11.34 7.27 14.84
CA ARG A 75 -12.46 7.69 13.97
C ARG A 75 -11.95 8.75 13.01
N ARG A 76 -12.64 8.95 11.90
CA ARG A 76 -12.35 10.03 10.96
C ARG A 76 -11.01 9.79 10.27
N MET A 77 -10.58 8.53 10.17
CA MET A 77 -9.33 8.27 9.42
C MET A 77 -9.70 7.53 8.15
N SER A 78 -8.95 7.85 7.10
CA SER A 78 -9.16 7.27 5.76
C SER A 78 -7.81 6.74 5.24
N PRO A 79 -7.83 5.82 4.24
CA PRO A 79 -6.56 5.20 3.90
C PRO A 79 -5.59 6.03 3.08
N ASP A 80 -6.01 7.21 2.61
CA ASP A 80 -5.11 7.99 1.76
C ASP A 80 -4.01 8.65 2.61
N GLU A 81 -2.83 8.92 2.00
CA GLU A 81 -1.69 9.44 2.73
C GLU A 81 -2.02 10.79 3.35
N ARG A 82 -2.72 11.67 2.61
CA ARG A 82 -2.91 13.04 3.17
C ARG A 82 -3.76 13.06 4.46
N ASN A 83 -4.75 12.20 4.50
CA ASN A 83 -5.60 12.08 5.71
C ASN A 83 -4.79 11.61 6.92
N VAL A 84 -4.02 10.52 6.74
CA VAL A 84 -3.15 9.99 7.80
C VAL A 84 -2.13 11.05 8.20
N ALA A 85 -1.50 11.68 7.20
CA ALA A 85 -0.60 12.82 7.46
C ALA A 85 -1.23 13.87 8.37
N GLY A 86 -2.50 14.18 8.12
CA GLY A 86 -3.21 15.16 8.94
C GLY A 86 -3.31 14.76 10.40
N HIS A 87 -3.58 13.48 10.67
CA HIS A 87 -3.55 12.94 12.04
C HIS A 87 -2.17 13.10 12.70
N ILE A 88 -1.13 12.75 11.93
CA ILE A 88 0.22 12.82 12.45
C ILE A 88 0.60 14.26 12.76
N LYS A 89 0.26 15.16 11.86
CA LYS A 89 0.59 16.55 12.03
C LYS A 89 -0.05 17.14 13.29
N LYS A 90 -1.31 16.79 13.56
CA LYS A 90 -1.93 17.17 14.85
C LYS A 90 -1.18 16.61 16.05
N ALA A 91 -0.80 15.34 16.00
CA ALA A 91 -0.02 14.74 17.08
C ALA A 91 1.31 15.44 17.28
N LEU A 92 1.95 15.87 16.20
CA LEU A 92 3.28 16.46 16.32
C LEU A 92 3.26 17.87 16.93
N ALA A 93 2.07 18.44 17.06
CA ALA A 93 1.89 19.78 17.62
C ALA A 93 1.66 19.74 19.13
N VAL A 94 1.36 18.55 19.69
CA VAL A 94 0.92 18.45 21.08
C VAL A 94 2.16 18.48 22.01
N GLU A 95 2.11 19.28 23.08
CA GLU A 95 3.19 19.20 24.10
C GLU A 95 3.02 17.91 24.89
N CYS A 96 4.09 17.14 25.03
CA CYS A 96 3.99 15.86 25.74
C CYS A 96 5.30 15.48 26.43
N GLY A 97 5.24 14.51 27.33
CA GLY A 97 6.44 13.88 27.90
C GLY A 97 6.53 12.42 27.48
N LYS A 98 7.13 11.60 28.34
CA LYS A 98 7.28 10.18 28.08
C LYS A 98 5.97 9.40 28.10
N SER A 99 4.96 9.87 28.85
CA SER A 99 3.69 9.17 28.92
C SER A 99 2.87 9.42 27.65
N TRP A 100 2.04 8.44 27.27
CA TRP A 100 1.13 8.60 26.11
C TRP A 100 0.15 9.71 26.43
N LYS A 101 0.07 10.69 25.54
CA LYS A 101 -0.89 11.78 25.73
C LYS A 101 -1.90 11.72 24.59
N LYS A 102 -3.18 11.79 24.92
CA LYS A 102 -4.23 11.69 23.92
C LYS A 102 -4.26 12.92 23.02
N VAL A 103 -4.26 12.70 21.71
CA VAL A 103 -4.37 13.79 20.74
C VAL A 103 -5.84 13.98 20.33
N HIS A 104 -6.46 12.87 19.94
CA HIS A 104 -7.91 12.78 19.72
C HIS A 104 -8.21 11.32 19.72
N SER A 105 -9.48 10.92 19.54
CA SER A 105 -9.89 9.52 19.67
C SER A 105 -8.93 8.58 18.92
N GLY A 106 -8.35 7.63 19.65
CA GLY A 106 -7.48 6.56 19.10
C GLY A 106 -6.09 6.96 18.64
N VAL A 107 -5.69 8.21 18.90
CA VAL A 107 -4.37 8.72 18.51
C VAL A 107 -3.66 9.36 19.72
N TYR A 108 -2.49 8.84 20.08
CA TYR A 108 -1.74 9.29 21.24
C TYR A 108 -0.33 9.59 20.77
N VAL A 109 0.35 10.46 21.50
CA VAL A 109 1.72 10.85 21.18
C VAL A 109 2.56 10.87 22.46
N SER A 110 3.84 10.62 22.34
CA SER A 110 4.76 10.65 23.49
C SER A 110 6.16 10.97 23.00
N ARG A 111 7.08 11.22 23.93
CA ARG A 111 8.49 11.38 23.61
C ARG A 111 9.30 10.10 23.87
N LYS A 112 8.64 8.96 23.88
CA LYS A 112 9.36 7.69 23.95
C LYS A 112 10.24 7.44 22.72
N GLY A 113 11.46 6.99 22.96
CA GLY A 113 12.38 6.50 21.91
C GLY A 113 12.23 5.01 21.70
N LEU A 114 13.12 4.45 20.86
CA LEU A 114 13.06 3.03 20.51
C LEU A 114 13.16 2.11 21.73
N GLU A 115 14.19 2.35 22.55
CA GLU A 115 14.36 1.56 23.79
C GLU A 115 13.12 1.49 24.65
N GLU A 116 12.58 2.66 24.97
CA GLU A 116 11.35 2.77 25.77
C GLU A 116 10.15 2.08 25.13
N LEU A 117 9.95 2.30 23.83
CA LEU A 117 8.85 1.67 23.11
C LEU A 117 8.97 0.15 23.17
N ILE A 118 10.11 -0.38 22.74
CA ILE A 118 10.36 -1.84 22.71
C ILE A 118 10.11 -2.45 24.09
N GLU A 119 10.60 -1.79 25.12
CA GLU A 119 10.39 -2.27 26.50
C GLU A 119 8.89 -2.37 26.85
N GLU A 120 8.16 -1.27 26.63
CA GLU A 120 6.71 -1.29 26.81
C GLU A 120 5.97 -2.31 25.97
N LEU A 121 6.29 -2.36 24.67
CA LEU A 121 5.57 -3.21 23.74
C LEU A 121 5.74 -4.69 24.11
N SER A 122 6.88 -5.00 24.71
CA SER A 122 7.24 -6.39 25.01
C SER A 122 6.31 -6.96 26.08
N GLU A 123 5.61 -6.10 26.80
CA GLU A 123 4.64 -6.51 27.81
C GLU A 123 3.34 -7.06 27.20
N LYS A 124 2.94 -6.53 26.04
CA LYS A 124 1.69 -6.89 25.37
C LYS A 124 1.90 -7.81 24.18
N TYR A 125 3.04 -7.67 23.47
CA TYR A 125 3.26 -8.37 22.21
C TYR A 125 4.50 -9.24 22.23
N SER A 126 4.51 -10.24 21.35
CA SER A 126 5.77 -10.95 21.00
C SER A 126 6.38 -10.20 19.84
N ILE A 127 7.57 -9.67 20.07
CA ILE A 127 8.24 -8.85 19.07
C ILE A 127 8.90 -9.67 17.96
N ILE A 128 8.62 -9.27 16.72
CA ILE A 128 9.19 -9.89 15.54
C ILE A 128 9.86 -8.78 14.70
N TYR A 129 11.11 -8.99 14.37
CA TYR A 129 11.85 -8.06 13.54
C TYR A 129 11.75 -8.56 12.09
N LEU A 130 11.21 -7.72 11.21
CA LEU A 130 11.13 -8.08 9.79
C LEU A 130 12.35 -7.54 9.06
N LYS A 131 13.12 -8.44 8.43
CA LYS A 131 14.28 -8.04 7.63
C LYS A 131 14.54 -9.10 6.55
N GLU A 132 15.01 -8.61 5.40
CA GLU A 132 15.19 -9.45 4.21
C GLU A 132 16.03 -10.68 4.45
N ASP A 133 16.95 -10.61 5.42
CA ASP A 133 17.86 -11.74 5.66
C ASP A 133 17.48 -12.64 6.85
N GLY A 134 16.29 -12.43 7.40
CA GLY A 134 15.80 -13.30 8.46
C GLY A 134 15.33 -14.63 7.88
N VAL A 135 14.87 -15.53 8.73
CA VAL A 135 14.40 -16.80 8.19
C VAL A 135 13.02 -16.65 7.58
N ASP A 136 12.69 -17.44 6.56
CA ASP A 136 11.38 -17.27 5.96
C ASP A 136 10.24 -17.49 6.96
N ILE A 137 9.24 -16.61 6.88
CA ILE A 137 8.09 -16.62 7.78
C ILE A 137 7.43 -18.02 7.83
N SER A 138 7.57 -18.78 6.75
CA SER A 138 7.07 -20.16 6.68
C SER A 138 7.82 -21.13 7.62
N ASN A 139 9.10 -20.87 7.91
CA ASN A 139 9.86 -21.65 8.90
C ASN A 139 9.65 -21.20 10.34
N ALA A 140 8.58 -20.45 10.60
CA ALA A 140 8.28 -20.05 11.96
C ALA A 140 6.83 -20.27 12.32
N GLN A 141 6.57 -20.44 13.60
CA GLN A 141 5.22 -20.40 14.11
C GLN A 141 5.05 -19.03 14.72
N LEU A 142 4.13 -18.26 14.18
CA LEU A 142 3.88 -16.91 14.72
C LEU A 142 3.05 -17.01 16.01
N PRO A 143 3.29 -16.09 16.96
CA PRO A 143 2.47 -15.98 18.18
C PRO A 143 1.11 -15.36 17.90
N PRO A 144 0.18 -15.41 18.89
CA PRO A 144 -1.15 -14.80 18.69
C PRO A 144 -1.11 -13.30 18.86
N ASN A 145 0.02 -12.77 19.32
CA ASN A 145 0.11 -11.35 19.60
C ASN A 145 1.39 -10.76 18.99
N PRO A 146 1.59 -10.93 17.67
CA PRO A 146 2.85 -10.41 17.10
C PRO A 146 2.87 -8.88 17.06
N LEU A 147 4.03 -8.30 17.38
CA LEU A 147 4.34 -6.92 16.97
C LEU A 147 5.50 -6.95 15.94
N PHE A 148 5.25 -6.43 14.74
CA PHE A 148 6.26 -6.46 13.67
C PHE A 148 7.00 -5.14 13.63
N VAL A 149 8.32 -5.20 13.80
CA VAL A 149 9.19 -4.03 13.71
C VAL A 149 9.74 -3.93 12.28
N ILE A 150 9.56 -2.76 11.64
CA ILE A 150 9.87 -2.60 10.21
C ILE A 150 10.65 -1.29 10.10
N GLY A 151 11.78 -1.28 9.41
CA GLY A 151 12.47 -0.02 9.09
C GLY A 151 11.88 0.76 7.93
N ASP A 152 12.22 2.05 7.85
CA ASP A 152 11.68 2.97 6.81
C ASP A 152 12.44 2.76 5.50
N HIS A 153 12.22 3.64 4.52
CA HIS A 153 13.07 3.66 3.31
C HIS A 153 14.54 3.12 3.41
N GLU A 154 15.25 3.36 4.52
CA GLU A 154 16.69 2.98 4.62
C GLU A 154 17.03 1.82 5.59
N GLY A 155 16.08 1.43 6.44
CA GLY A 155 16.28 0.28 7.38
C GLY A 155 16.83 0.69 8.75
N LEU A 156 16.79 -0.24 9.71
CA LEU A 156 17.33 0.04 11.06
C LEU A 156 18.87 0.18 11.09
N THR A 157 19.39 1.06 11.94
CA THR A 157 20.86 1.15 12.11
C THR A 157 21.37 -0.05 12.91
N GLU A 158 22.68 -0.27 12.92
CA GLU A 158 23.19 -1.39 13.72
C GLU A 158 22.81 -1.23 15.18
N GLU A 159 22.95 -0.01 15.71
CA GLU A 159 22.56 0.24 17.08
C GLU A 159 21.09 -0.04 17.34
N GLN A 160 20.22 0.36 16.42
CA GLN A 160 18.79 0.12 16.64
C GLN A 160 18.53 -1.38 16.58
N GLU A 161 19.20 -2.11 15.69
CA GLU A 161 19.01 -3.58 15.60
C GLU A 161 19.39 -4.26 16.93
N LYS A 162 20.46 -3.76 17.55
CA LYS A 162 20.91 -4.22 18.85
C LYS A 162 19.80 -4.05 19.90
N VAL A 163 19.17 -2.85 19.94
CA VAL A 163 18.01 -2.62 20.81
C VAL A 163 16.88 -3.63 20.53
N VAL A 164 16.54 -3.80 19.26
CA VAL A 164 15.40 -4.65 18.93
C VAL A 164 15.68 -6.14 19.26
N GLU A 165 16.87 -6.62 18.90
CA GLU A 165 17.27 -8.02 19.19
C GLU A 165 17.36 -8.42 20.68
N ARG A 166 17.37 -7.45 21.59
CA ARG A 166 17.33 -7.74 23.03
C ARG A 166 15.96 -8.27 23.44
N TYR A 167 14.95 -7.99 22.62
CA TYR A 167 13.55 -8.29 22.94
C TYR A 167 12.88 -9.18 21.88
N ALA A 168 13.40 -9.18 20.65
CA ALA A 168 12.72 -9.85 19.56
C ALA A 168 12.73 -11.36 19.79
N ALA A 169 11.59 -12.01 19.56
CA ALA A 169 11.50 -13.46 19.51
C ALA A 169 12.08 -14.04 18.23
N LEU A 170 11.70 -13.47 17.08
CA LEU A 170 12.09 -13.95 15.76
C LEU A 170 12.54 -12.78 14.87
N LYS A 171 13.43 -13.09 13.92
CA LYS A 171 13.79 -12.20 12.81
C LYS A 171 13.42 -12.93 11.51
N LEU A 172 12.48 -12.36 10.76
CA LEU A 172 11.87 -13.10 9.66
C LEU A 172 11.84 -12.29 8.39
N SER A 173 12.05 -12.99 7.28
CA SER A 173 11.90 -12.52 5.93
C SER A 173 10.51 -12.95 5.43
N LEU A 174 9.87 -12.14 4.58
CA LEU A 174 8.55 -12.49 4.03
C LEU A 174 8.57 -12.48 2.50
N SER A 175 9.73 -12.26 1.90
CA SER A 175 9.81 -12.20 0.43
C SER A 175 11.23 -12.38 -0.03
N PRO A 176 11.45 -13.00 -1.22
CA PRO A 176 12.80 -13.07 -1.81
C PRO A 176 13.33 -11.73 -2.29
N LEU A 177 12.45 -10.71 -2.39
CA LEU A 177 12.88 -9.36 -2.81
C LEU A 177 12.87 -8.38 -1.64
N SER A 178 13.60 -7.28 -1.79
CA SER A 178 13.58 -6.21 -0.81
C SER A 178 12.34 -5.34 -1.10
N LEU A 179 11.39 -5.34 -0.18
CA LEU A 179 10.09 -4.67 -0.42
C LEU A 179 9.98 -3.34 0.30
N LEU A 180 9.02 -2.50 -0.13
CA LEU A 180 8.66 -1.29 0.58
C LEU A 180 8.09 -1.72 1.92
N ALA A 181 8.29 -0.85 2.91
CA ALA A 181 7.86 -1.10 4.29
C ALA A 181 6.37 -1.47 4.39
N GLU A 182 5.52 -0.75 3.66
CA GLU A 182 4.08 -1.04 3.74
C GLU A 182 3.71 -2.36 3.05
N GLN A 183 4.56 -2.83 2.12
CA GLN A 183 4.35 -4.15 1.51
C GLN A 183 4.57 -5.25 2.55
N CYS A 184 5.60 -5.07 3.38
CA CYS A 184 5.83 -5.98 4.52
C CYS A 184 4.61 -6.03 5.44
N VAL A 185 4.03 -4.86 5.74
CA VAL A 185 2.76 -4.82 6.53
C VAL A 185 1.67 -5.72 5.91
N VAL A 186 1.41 -5.53 4.62
CA VAL A 186 0.36 -6.27 3.93
C VAL A 186 0.63 -7.76 3.98
N ILE A 187 1.86 -8.15 3.70
CA ILE A 187 2.20 -9.58 3.63
C ILE A 187 2.12 -10.22 5.03
N ALA A 188 2.60 -9.51 6.05
CA ALA A 188 2.48 -9.96 7.45
C ALA A 188 1.02 -10.20 7.80
N HIS A 189 0.17 -9.23 7.49
CA HIS A 189 -1.30 -9.44 7.70
C HIS A 189 -1.82 -10.66 6.93
N HIS A 190 -1.33 -10.84 5.70
CA HIS A 190 -1.85 -11.93 4.85
C HIS A 190 -1.49 -13.30 5.49
N HIS A 191 -0.25 -13.42 5.95
CA HIS A 191 0.16 -14.63 6.70
C HIS A 191 -0.75 -14.90 7.89
N LEU A 192 -0.99 -13.89 8.72
CA LEU A 192 -1.86 -14.03 9.88
C LEU A 192 -3.35 -14.32 9.52
N ASP A 193 -3.88 -13.63 8.51
CA ASP A 193 -5.28 -13.83 8.04
C ASP A 193 -5.53 -15.28 7.63
N ARG A 194 -4.57 -15.84 6.90
CA ARG A 194 -4.69 -17.23 6.44
C ARG A 194 -4.70 -18.27 7.57
N LEU A 195 -3.97 -18.00 8.65
CA LEU A 195 -4.02 -18.81 9.87
C LEU A 195 -5.32 -18.59 10.64
N GLN A 196 -5.82 -17.35 10.63
CA GLN A 196 -6.90 -17.00 11.53
C GLN A 196 -8.27 -17.25 10.94
N PHE A 197 -8.40 -17.07 9.62
CA PHE A 197 -9.74 -17.03 9.01
C PHE A 197 -9.97 -18.11 7.94
N ALA B 3 8.29 -13.58 -19.09
CA ALA B 3 7.28 -13.32 -18.03
C ALA B 3 7.01 -11.82 -17.90
N VAL B 4 5.76 -11.43 -18.10
CA VAL B 4 5.35 -10.05 -17.89
C VAL B 4 4.28 -10.10 -16.80
N ARG B 5 4.03 -8.99 -16.10
CA ARG B 5 2.95 -8.98 -15.11
C ARG B 5 2.16 -7.74 -15.43
N GLY B 6 0.84 -7.85 -15.41
CA GLY B 6 -0.01 -6.68 -15.66
C GLY B 6 -1.08 -6.53 -14.60
N PHE B 7 -1.60 -5.31 -14.49
CA PHE B 7 -2.73 -4.98 -13.56
C PHE B 7 -3.66 -4.08 -14.32
N LEU B 8 -4.96 -4.31 -14.15
CA LEU B 8 -5.99 -3.42 -14.61
C LEU B 8 -6.86 -3.02 -13.40
N ILE B 9 -6.87 -1.73 -13.09
CA ILE B 9 -7.65 -1.22 -11.97
C ILE B 9 -8.80 -0.39 -12.52
N VAL B 10 -10.02 -0.71 -12.14
CA VAL B 10 -11.22 -0.01 -12.68
C VAL B 10 -11.76 0.99 -11.65
N GLY B 11 -11.60 2.27 -11.95
CA GLY B 11 -12.02 3.36 -11.10
C GLY B 11 -13.33 3.94 -11.63
N ASN B 12 -14.46 3.46 -11.13
CA ASN B 12 -15.77 3.92 -11.64
C ASN B 12 -16.13 5.37 -11.37
N LYS B 13 -15.55 5.96 -10.34
CA LYS B 13 -15.85 7.35 -10.04
C LYS B 13 -14.69 8.28 -10.40
N ALA B 14 -13.53 7.69 -10.69
CA ALA B 14 -12.29 8.44 -10.88
C ALA B 14 -12.47 9.51 -11.97
N PHE B 15 -12.09 10.74 -11.66
CA PHE B 15 -12.28 11.88 -12.57
C PHE B 15 -11.52 11.68 -13.88
N THR B 16 -12.04 12.27 -14.95
CA THR B 16 -11.42 12.08 -16.30
C THR B 16 -10.92 13.41 -16.90
N GLN B 17 -10.82 14.43 -16.06
CA GLN B 17 -10.09 15.65 -16.40
C GLN B 17 -9.19 16.07 -15.22
N PRO B 18 -8.23 17.00 -15.46
CA PRO B 18 -7.32 17.44 -14.38
C PRO B 18 -8.08 17.84 -13.11
N PHE B 19 -7.51 17.49 -11.98
CA PHE B 19 -8.12 17.66 -10.66
C PHE B 19 -7.06 18.24 -9.72
N SER B 20 -7.48 18.61 -8.50
CA SER B 20 -6.55 19.15 -7.52
C SER B 20 -5.69 18.06 -6.90
N LEU B 21 -4.38 18.25 -6.97
CA LEU B 21 -3.47 17.33 -6.28
C LEU B 21 -3.59 17.37 -4.74
N ASN B 22 -4.36 18.33 -4.20
CA ASN B 22 -4.55 18.45 -2.74
C ASN B 22 -5.78 17.73 -2.21
N ASP B 23 -6.56 17.14 -3.14
CA ASP B 23 -7.73 16.39 -2.78
C ASP B 23 -7.95 15.19 -3.70
N LEU B 24 -7.11 14.17 -3.49
CA LEU B 24 -7.19 12.91 -4.27
C LEU B 24 -8.49 12.11 -4.01
N PRO B 25 -8.91 11.97 -2.74
CA PRO B 25 -10.17 11.25 -2.54
C PRO B 25 -11.35 12.01 -3.17
N GLY B 26 -11.24 13.32 -3.23
CA GLY B 26 -12.28 14.19 -3.83
C GLY B 26 -12.40 14.09 -5.35
N ALA B 27 -11.37 13.53 -6.02
CA ALA B 27 -11.41 13.41 -7.47
C ALA B 27 -11.92 12.01 -7.82
N GLY B 28 -13.05 11.61 -7.20
CA GLY B 28 -13.64 10.31 -7.45
C GLY B 28 -12.80 9.15 -6.94
N ARG B 29 -12.22 9.36 -5.75
CA ARG B 29 -11.40 8.34 -5.06
C ARG B 29 -10.20 7.95 -5.95
N MET B 30 -9.58 8.98 -6.53
CA MET B 30 -8.34 8.80 -7.30
C MET B 30 -7.25 8.18 -6.45
N ASP B 31 -7.32 8.40 -5.14
CA ASP B 31 -6.31 7.87 -4.26
C ASP B 31 -6.17 6.33 -4.36
N VAL B 32 -7.26 5.62 -4.61
CA VAL B 32 -7.25 4.14 -4.75
C VAL B 32 -6.33 3.78 -5.91
N LEU B 33 -6.55 4.44 -7.05
CA LEU B 33 -5.79 4.20 -8.27
C LEU B 33 -4.31 4.51 -8.08
N CYS B 34 -4.01 5.62 -7.38
CA CYS B 34 -2.63 6.00 -7.00
C CYS B 34 -1.92 4.89 -6.20
N ARG B 35 -2.59 4.38 -5.16
CA ARG B 35 -2.02 3.30 -4.33
C ARG B 35 -1.80 2.05 -5.13
N CYS B 36 -2.77 1.69 -5.96
CA CYS B 36 -2.58 0.44 -6.77
C CYS B 36 -1.38 0.58 -7.70
N THR B 37 -1.24 1.77 -8.30
CA THR B 37 -0.15 2.01 -9.26
C THR B 37 1.20 1.91 -8.54
N SER B 38 1.29 2.59 -7.39
CA SER B 38 2.49 2.61 -6.59
C SER B 38 2.88 1.16 -6.14
N GLN B 39 1.90 0.40 -5.65
CA GLN B 39 2.21 -0.96 -5.13
C GLN B 39 2.49 -1.95 -6.27
N ALA B 40 1.95 -1.64 -7.46
CA ALA B 40 2.20 -2.49 -8.65
C ALA B 40 3.64 -2.34 -9.15
N LEU B 41 4.19 -1.13 -9.06
CA LEU B 41 5.45 -0.76 -9.70
C LEU B 41 6.69 -0.81 -8.80
N PHE B 42 6.55 -0.37 -7.54
CA PHE B 42 7.74 -0.07 -6.73
C PHE B 42 8.11 -1.17 -5.73
N ILE B 43 9.43 -1.43 -5.67
CA ILE B 43 10.01 -2.13 -4.53
C ILE B 43 11.18 -1.29 -3.99
N SER B 44 11.92 -1.81 -3.02
CA SER B 44 12.86 -0.97 -2.32
C SER B 44 13.94 -0.40 -3.26
N HIS B 45 14.46 -1.21 -4.15
CA HIS B 45 15.54 -0.73 -5.01
C HIS B 45 15.10 0.10 -6.22
N GLY B 46 13.79 0.11 -6.50
CA GLY B 46 13.25 0.87 -7.62
C GLY B 46 12.02 0.24 -8.25
N ILE B 47 11.90 0.34 -9.57
CA ILE B 47 10.70 -0.12 -10.26
C ILE B 47 10.82 -1.53 -10.81
N ARG B 48 9.72 -2.27 -10.75
CA ARG B 48 9.63 -3.58 -11.43
C ARG B 48 9.52 -3.33 -12.96
N ARG B 49 10.56 -3.70 -13.70
CA ARG B 49 10.61 -3.37 -15.12
C ARG B 49 9.73 -4.28 -15.98
N ASP B 50 9.22 -5.37 -15.40
CA ASP B 50 8.34 -6.26 -16.15
C ASP B 50 6.86 -5.97 -15.95
N VAL B 51 6.53 -4.85 -15.31
CA VAL B 51 5.13 -4.53 -14.96
C VAL B 51 4.56 -3.47 -15.87
N GLU B 52 3.29 -3.66 -16.24
CA GLU B 52 2.48 -2.59 -16.79
C GLU B 52 1.25 -2.39 -15.90
N VAL B 53 0.91 -1.13 -15.67
CA VAL B 53 -0.29 -0.79 -14.95
C VAL B 53 -1.28 -0.13 -15.93
N TYR B 54 -2.49 -0.66 -15.99
CA TYR B 54 -3.60 -0.10 -16.77
C TYR B 54 -4.69 0.38 -15.80
N LEU B 55 -5.03 1.67 -15.94
CA LEU B 55 -6.10 2.32 -15.15
C LEU B 55 -7.24 2.68 -16.07
N LEU B 56 -8.47 2.30 -15.69
CA LEU B 56 -9.68 2.70 -16.41
C LEU B 56 -10.44 3.67 -15.56
N LEU B 57 -10.66 4.87 -16.07
CA LEU B 57 -11.27 5.91 -15.27
C LEU B 57 -12.61 6.27 -15.92
N LEU B 58 -13.68 6.14 -15.13
CA LEU B 58 -15.01 6.20 -15.68
C LEU B 58 -15.82 7.34 -15.08
N GLY B 59 -15.17 8.16 -14.27
CA GLY B 59 -15.84 9.30 -13.65
C GLY B 59 -15.98 10.48 -14.62
N PRO B 60 -16.61 11.57 -14.14
CA PRO B 60 -16.81 12.76 -14.93
C PRO B 60 -15.54 13.57 -15.14
N PRO B 61 -15.53 14.46 -16.14
CA PRO B 61 -16.68 14.69 -17.03
C PRO B 61 -16.59 14.06 -18.41
N SER B 62 -15.44 13.44 -18.76
CA SER B 62 -15.29 12.86 -20.11
C SER B 62 -14.83 11.41 -20.17
N PRO B 63 -15.61 10.47 -19.59
CA PRO B 63 -15.29 9.04 -19.61
C PRO B 63 -15.59 8.41 -20.96
N PRO B 64 -14.94 7.27 -21.31
CA PRO B 64 -13.89 6.58 -20.52
C PRO B 64 -12.54 7.15 -20.87
N LYS B 65 -11.61 7.05 -19.94
CA LYS B 65 -10.19 7.25 -20.27
C LYS B 65 -9.41 6.12 -19.63
N SER B 66 -8.41 5.64 -20.35
CA SER B 66 -7.51 4.60 -19.90
C SER B 66 -6.11 5.15 -19.85
N ILE B 67 -5.35 4.75 -18.82
CA ILE B 67 -3.95 5.16 -18.69
C ILE B 67 -3.10 3.92 -18.63
N LEU B 68 -1.98 3.93 -19.34
CA LEU B 68 -1.02 2.87 -19.24
C LEU B 68 0.29 3.43 -18.65
N ILE B 69 0.75 2.84 -17.56
CA ILE B 69 2.07 3.17 -17.02
C ILE B 69 2.95 1.93 -17.22
N LYS B 70 4.00 2.10 -18.02
CA LYS B 70 4.91 1.04 -18.42
C LYS B 70 6.17 1.10 -17.59
N GLY B 71 6.33 0.12 -16.71
CA GLY B 71 7.40 0.12 -15.74
C GLY B 71 8.78 0.27 -16.34
N ASP B 72 9.02 -0.37 -17.47
CA ASP B 72 10.38 -0.30 -18.07
C ASP B 72 10.71 1.04 -18.76
N GLU B 73 9.73 1.95 -18.80
CA GLU B 73 9.86 3.25 -19.47
C GLU B 73 9.75 4.44 -18.53
N VAL B 74 9.24 4.23 -17.33
CA VAL B 74 9.11 5.36 -16.41
C VAL B 74 10.49 5.89 -15.97
N ARG B 75 10.63 7.22 -15.97
CA ARG B 75 11.91 7.90 -15.62
C ARG B 75 11.89 8.80 -14.40
N ARG B 76 10.73 9.38 -14.11
CA ARG B 76 10.62 10.25 -12.94
C ARG B 76 9.33 9.94 -12.19
N MET B 77 9.37 8.92 -11.34
CA MET B 77 8.15 8.59 -10.56
C MET B 77 8.56 8.10 -9.19
N SER B 78 7.75 8.43 -8.19
CA SER B 78 8.01 7.98 -6.83
C SER B 78 6.71 7.41 -6.25
N PRO B 79 6.83 6.59 -5.18
CA PRO B 79 5.65 5.82 -4.74
C PRO B 79 4.59 6.64 -4.05
N ASP B 80 4.89 7.87 -3.64
CA ASP B 80 3.86 8.67 -2.90
C ASP B 80 2.66 9.01 -3.79
N GLU B 81 1.47 9.07 -3.19
CA GLU B 81 0.24 9.32 -3.95
C GLU B 81 0.33 10.61 -4.76
N ARG B 82 0.95 11.65 -4.21
CA ARG B 82 0.88 12.96 -4.89
C ARG B 82 1.65 12.89 -6.19
N ASN B 83 2.77 12.19 -6.16
CA ASN B 83 3.59 12.07 -7.36
C ASN B 83 2.86 11.29 -8.44
N VAL B 84 2.32 10.13 -8.07
CA VAL B 84 1.53 9.34 -9.02
C VAL B 84 0.33 10.12 -9.55
N ALA B 85 -0.38 10.80 -8.66
CA ALA B 85 -1.50 11.65 -9.09
C ALA B 85 -1.06 12.73 -10.08
N GLY B 86 0.13 13.31 -9.88
CA GLY B 86 0.67 14.33 -10.83
C GLY B 86 0.81 13.76 -12.22
N HIS B 87 1.25 12.51 -12.34
CA HIS B 87 1.30 11.82 -13.65
C HIS B 87 -0.07 11.62 -14.28
N ILE B 88 -1.00 11.15 -13.46
CA ILE B 88 -2.38 10.92 -13.90
C ILE B 88 -2.97 12.26 -14.35
N LYS B 89 -2.74 13.29 -13.54
CA LYS B 89 -3.32 14.63 -13.88
C LYS B 89 -2.81 15.12 -15.27
N LYS B 90 -1.52 14.93 -15.55
CA LYS B 90 -0.96 15.28 -16.86
C LYS B 90 -1.61 14.51 -17.99
N ALA B 91 -1.79 13.20 -17.78
CA ALA B 91 -2.43 12.33 -18.77
C ALA B 91 -3.86 12.75 -19.06
N LEU B 92 -4.59 13.17 -18.03
CA LEU B 92 -5.96 13.59 -18.21
C LEU B 92 -6.16 14.93 -18.96
N ALA B 93 -5.09 15.71 -19.12
CA ALA B 93 -5.10 16.99 -19.81
C ALA B 93 -4.91 16.85 -21.32
N VAL B 94 -4.44 15.68 -21.76
CA VAL B 94 -4.02 15.42 -23.15
C VAL B 94 -5.22 15.11 -24.08
N GLU B 95 -5.29 15.75 -25.27
CA GLU B 95 -6.32 15.37 -26.27
C GLU B 95 -5.94 13.99 -26.77
N CYS B 96 -6.85 13.05 -26.82
CA CYS B 96 -6.48 11.70 -27.32
C CYS B 96 -7.67 10.99 -27.92
N GLY B 97 -7.41 9.88 -28.63
CA GLY B 97 -8.43 9.10 -29.29
C GLY B 97 -8.42 7.68 -28.78
N LYS B 98 -8.73 6.79 -29.70
CA LYS B 98 -8.89 5.37 -29.45
C LYS B 98 -7.60 4.60 -29.22
N SER B 99 -6.49 5.11 -29.75
CA SER B 99 -5.20 4.45 -29.65
C SER B 99 -4.34 5.12 -28.58
N TRP B 100 -3.35 4.40 -28.06
CA TRP B 100 -2.49 4.97 -27.02
C TRP B 100 -1.72 6.20 -27.51
N LYS B 101 -1.83 7.26 -26.73
CA LYS B 101 -1.06 8.48 -26.96
C LYS B 101 -0.06 8.71 -25.81
N LYS B 102 1.21 8.88 -26.14
CA LYS B 102 2.20 9.10 -25.10
C LYS B 102 2.02 10.47 -24.47
N VAL B 103 1.99 10.50 -23.14
CA VAL B 103 1.89 11.74 -22.37
C VAL B 103 3.29 12.25 -22.08
N HIS B 104 4.12 11.37 -21.52
CA HIS B 104 5.53 11.60 -21.29
C HIS B 104 6.11 10.23 -21.01
N SER B 105 7.37 10.21 -20.64
CA SER B 105 8.10 8.93 -20.46
C SER B 105 7.27 7.89 -19.66
N GLY B 106 6.97 6.77 -20.33
CA GLY B 106 6.31 5.60 -19.69
C GLY B 106 4.82 5.79 -19.33
N VAL B 107 4.24 6.91 -19.74
CA VAL B 107 2.82 7.17 -19.45
C VAL B 107 2.01 7.48 -20.74
N TYR B 108 0.95 6.70 -20.97
CA TYR B 108 0.11 6.79 -22.19
C TYR B 108 -1.34 6.92 -21.77
N VAL B 109 -2.14 7.56 -22.61
CA VAL B 109 -3.57 7.73 -22.35
C VAL B 109 -4.37 7.41 -23.60
N SER B 110 -5.64 7.04 -23.43
CA SER B 110 -6.50 6.81 -24.58
C SER B 110 -7.92 6.92 -24.11
N ARG B 111 -8.86 6.85 -25.04
CA ARG B 111 -10.28 6.81 -24.67
C ARG B 111 -10.86 5.41 -24.76
N LYS B 112 -10.05 4.37 -24.55
CA LYS B 112 -10.54 3.00 -24.56
C LYS B 112 -11.41 2.76 -23.34
N GLY B 113 -12.55 2.11 -23.56
CA GLY B 113 -13.41 1.66 -22.46
C GLY B 113 -13.04 0.24 -22.07
N LEU B 114 -13.81 -0.34 -21.16
CA LEU B 114 -13.46 -1.65 -20.58
C LEU B 114 -13.41 -2.76 -21.62
N GLU B 115 -14.42 -2.84 -22.49
CA GLU B 115 -14.41 -3.98 -23.43
C GLU B 115 -13.26 -3.91 -24.45
N GLU B 116 -13.00 -2.72 -24.99
CA GLU B 116 -11.85 -2.51 -25.89
C GLU B 116 -10.53 -2.85 -25.19
N LEU B 117 -10.40 -2.39 -23.95
CA LEU B 117 -9.15 -2.57 -23.26
C LEU B 117 -8.88 -4.05 -22.94
N ILE B 118 -9.90 -4.75 -22.44
CA ILE B 118 -9.73 -6.16 -22.08
C ILE B 118 -9.47 -7.01 -23.32
N GLU B 119 -10.10 -6.66 -24.44
CA GLU B 119 -9.83 -7.39 -25.69
C GLU B 119 -8.36 -7.23 -26.10
N GLU B 120 -7.87 -5.99 -26.09
CA GLU B 120 -6.47 -5.75 -26.39
C GLU B 120 -5.53 -6.47 -25.43
N LEU B 121 -5.80 -6.40 -24.13
CA LEU B 121 -4.89 -7.01 -23.13
C LEU B 121 -4.80 -8.51 -23.30
N SER B 122 -5.93 -9.12 -23.70
CA SER B 122 -5.99 -10.58 -23.83
C SER B 122 -5.04 -11.08 -24.92
N GLU B 123 -4.59 -10.17 -25.79
CA GLU B 123 -3.60 -10.52 -26.81
C GLU B 123 -2.19 -10.68 -26.20
N LYS B 124 -1.94 -10.00 -25.07
CA LYS B 124 -0.63 -10.02 -24.44
C LYS B 124 -0.59 -10.86 -23.16
N TYR B 125 -1.71 -10.86 -22.44
CA TYR B 125 -1.81 -11.44 -21.08
C TYR B 125 -2.90 -12.51 -20.97
N SER B 126 -2.72 -13.41 -20.01
CA SER B 126 -3.83 -14.23 -19.54
C SER B 126 -4.58 -13.46 -18.47
N ILE B 127 -5.87 -13.24 -18.69
CA ILE B 127 -6.64 -12.37 -17.83
C ILE B 127 -7.13 -13.13 -16.61
N ILE B 128 -6.85 -12.58 -15.43
CA ILE B 128 -7.26 -13.16 -14.15
C ILE B 128 -8.10 -12.11 -13.39
N TYR B 129 -9.31 -12.49 -13.02
CA TYR B 129 -10.15 -11.59 -12.27
C TYR B 129 -9.95 -11.92 -10.82
N LEU B 130 -9.54 -10.91 -10.04
CA LEU B 130 -9.36 -11.09 -8.59
C LEU B 130 -10.65 -10.72 -7.88
N LYS B 131 -11.28 -11.71 -7.25
CA LYS B 131 -12.45 -11.45 -6.42
C LYS B 131 -12.49 -12.38 -5.21
N GLU B 132 -13.07 -11.88 -4.12
CA GLU B 132 -13.15 -12.57 -2.83
C GLU B 132 -13.72 -13.98 -2.93
N ASP B 133 -14.66 -14.19 -3.85
CA ASP B 133 -15.28 -15.51 -3.95
C ASP B 133 -14.70 -16.44 -5.05
N GLY B 134 -13.54 -16.07 -5.59
CA GLY B 134 -12.90 -16.90 -6.58
C GLY B 134 -12.28 -18.15 -5.99
N VAL B 135 -11.69 -18.96 -6.87
CA VAL B 135 -10.86 -20.10 -6.49
C VAL B 135 -9.65 -19.60 -5.70
N ASP B 136 -9.32 -20.28 -4.60
CA ASP B 136 -8.12 -19.93 -3.86
C ASP B 136 -6.87 -20.04 -4.72
N ILE B 137 -6.06 -19.00 -4.70
CA ILE B 137 -4.92 -18.86 -5.61
C ILE B 137 -3.91 -20.01 -5.47
N SER B 138 -3.83 -20.59 -4.28
CA SER B 138 -2.92 -21.72 -4.04
C SER B 138 -3.47 -23.09 -4.52
N ASN B 139 -4.75 -23.11 -4.91
CA ASN B 139 -5.37 -24.23 -5.62
C ASN B 139 -5.43 -23.99 -7.11
N ALA B 140 -4.65 -23.03 -7.59
CA ALA B 140 -4.67 -22.69 -9.00
C ALA B 140 -3.27 -22.66 -9.58
N GLN B 141 -3.18 -22.99 -10.87
CA GLN B 141 -1.93 -22.90 -11.60
C GLN B 141 -1.91 -21.60 -12.38
N LEU B 142 -1.01 -20.71 -11.99
CA LEU B 142 -0.96 -19.39 -12.63
C LEU B 142 -0.34 -19.48 -14.02
N PRO B 143 -0.96 -18.80 -15.01
CA PRO B 143 -0.34 -18.59 -16.33
C PRO B 143 0.93 -17.72 -16.26
N PRO B 144 1.77 -17.75 -17.34
CA PRO B 144 3.11 -17.09 -17.29
C PRO B 144 3.09 -15.55 -17.44
N ASN B 145 2.01 -15.03 -18.00
CA ASN B 145 1.89 -13.62 -18.33
C ASN B 145 0.56 -13.11 -17.73
N PRO B 146 0.38 -13.21 -16.39
CA PRO B 146 -0.91 -12.83 -15.80
C PRO B 146 -1.18 -11.33 -15.85
N LEU B 147 -2.42 -10.96 -16.14
CA LEU B 147 -2.91 -9.64 -15.88
C LEU B 147 -4.08 -9.76 -14.89
N PHE B 148 -3.96 -9.05 -13.77
CA PHE B 148 -4.95 -9.17 -12.70
C PHE B 148 -5.91 -8.01 -12.79
N VAL B 149 -7.20 -8.32 -12.86
CA VAL B 149 -8.23 -7.29 -12.95
C VAL B 149 -8.81 -7.06 -11.56
N ILE B 150 -8.81 -5.80 -11.12
CA ILE B 150 -9.12 -5.51 -9.74
C ILE B 150 -10.09 -4.34 -9.68
N GLY B 151 -11.17 -4.45 -8.91
CA GLY B 151 -12.09 -3.30 -8.78
C GLY B 151 -11.56 -2.25 -7.79
N ASP B 152 -12.22 -1.11 -7.72
CA ASP B 152 -11.85 -0.06 -6.77
C ASP B 152 -12.50 -0.26 -5.35
N HIS B 153 -12.62 0.82 -4.60
CA HIS B 153 -13.20 0.77 -3.25
C HIS B 153 -14.66 0.27 -3.22
N GLU B 154 -15.35 0.34 -4.35
CA GLU B 154 -16.71 -0.21 -4.47
C GLU B 154 -16.81 -1.55 -5.21
N GLY B 155 -15.77 -1.92 -5.97
CA GLY B 155 -15.72 -3.13 -6.75
C GLY B 155 -16.42 -2.97 -8.10
N LEU B 156 -16.20 -3.95 -8.97
CA LEU B 156 -16.82 -3.92 -10.30
C LEU B 156 -18.34 -3.98 -10.17
N THR B 157 -19.03 -3.36 -11.12
CA THR B 157 -20.48 -3.51 -11.21
C THR B 157 -20.78 -4.87 -11.82
N GLU B 158 -22.02 -5.31 -11.70
CA GLU B 158 -22.44 -6.57 -12.32
C GLU B 158 -22.15 -6.65 -13.81
N GLU B 159 -22.48 -5.58 -14.55
CA GLU B 159 -22.25 -5.56 -16.00
C GLU B 159 -20.78 -5.63 -16.35
N GLN B 160 -19.95 -4.94 -15.57
CA GLN B 160 -18.51 -5.00 -15.82
C GLN B 160 -17.94 -6.40 -15.59
N GLU B 161 -18.42 -7.08 -14.56
CA GLU B 161 -17.97 -8.47 -14.31
C GLU B 161 -18.34 -9.38 -15.47
N LYS B 162 -19.54 -9.21 -16.02
CA LYS B 162 -19.95 -10.02 -17.17
C LYS B 162 -18.97 -9.84 -18.33
N VAL B 163 -18.57 -8.58 -18.58
CA VAL B 163 -17.55 -8.27 -19.60
C VAL B 163 -16.22 -8.96 -19.30
N VAL B 164 -15.73 -8.82 -18.06
CA VAL B 164 -14.41 -9.35 -17.67
C VAL B 164 -14.39 -10.88 -17.75
N GLU B 165 -15.45 -11.49 -17.23
CA GLU B 165 -15.54 -12.95 -17.20
C GLU B 165 -15.67 -13.62 -18.58
N ARG B 166 -16.05 -12.86 -19.59
CA ARG B 166 -16.05 -13.28 -21.00
C ARG B 166 -14.63 -13.57 -21.48
N TYR B 167 -13.65 -12.89 -20.86
CA TYR B 167 -12.24 -13.00 -21.26
C TYR B 167 -11.35 -13.65 -20.22
N ALA B 168 -11.79 -13.62 -18.97
CA ALA B 168 -10.98 -14.09 -17.86
C ALA B 168 -10.76 -15.58 -17.91
N ALA B 169 -9.48 -15.96 -17.91
CA ALA B 169 -9.03 -17.33 -17.85
C ALA B 169 -9.32 -17.95 -16.46
N LEU B 170 -9.16 -17.13 -15.41
CA LEU B 170 -9.36 -17.53 -14.02
C LEU B 170 -10.01 -16.42 -13.17
N LYS B 171 -10.81 -16.83 -12.20
CA LYS B 171 -11.31 -15.92 -11.17
C LYS B 171 -10.81 -16.45 -9.84
N LEU B 172 -10.04 -15.62 -9.12
CA LEU B 172 -9.18 -16.07 -8.04
C LEU B 172 -9.32 -15.24 -6.77
N SER B 173 -9.31 -15.92 -5.64
CA SER B 173 -9.33 -15.27 -4.33
C SER B 173 -7.92 -15.37 -3.75
N LEU B 174 -7.47 -14.32 -3.05
CA LEU B 174 -6.11 -14.29 -2.48
C LEU B 174 -6.07 -14.23 -0.97
N SER B 175 -7.23 -14.19 -0.33
CA SER B 175 -7.29 -13.98 1.10
C SER B 175 -8.67 -14.38 1.61
N PRO B 176 -8.78 -14.81 2.89
CA PRO B 176 -10.14 -15.03 3.39
C PRO B 176 -10.91 -13.73 3.72
N LEU B 177 -10.19 -12.59 3.68
CA LEU B 177 -10.82 -11.30 3.91
C LEU B 177 -10.91 -10.51 2.62
N SER B 178 -11.85 -9.58 2.62
CA SER B 178 -12.04 -8.61 1.56
C SER B 178 -11.03 -7.47 1.78
N LEU B 179 -10.07 -7.39 0.86
CA LEU B 179 -8.93 -6.51 0.98
C LEU B 179 -9.04 -5.26 0.09
N LEU B 180 -8.24 -4.25 0.42
CA LEU B 180 -8.09 -3.04 -0.42
C LEU B 180 -7.49 -3.51 -1.73
N ALA B 181 -7.77 -2.76 -2.79
CA ALA B 181 -7.35 -3.11 -4.12
C ALA B 181 -5.82 -3.27 -4.20
N GLU B 182 -5.10 -2.34 -3.57
CA GLU B 182 -3.63 -2.32 -3.64
C GLU B 182 -3.01 -3.47 -2.80
N GLN B 183 -3.76 -3.98 -1.82
CA GLN B 183 -3.33 -5.16 -1.05
C GLN B 183 -3.33 -6.38 -1.96
N CYS B 184 -4.37 -6.50 -2.78
CA CYS B 184 -4.42 -7.58 -3.78
C CYS B 184 -3.22 -7.47 -4.72
N VAL B 185 -2.86 -6.25 -5.11
CA VAL B 185 -1.66 -6.05 -5.95
C VAL B 185 -0.42 -6.66 -5.25
N VAL B 186 -0.22 -6.27 -3.98
CA VAL B 186 0.98 -6.67 -3.25
C VAL B 186 0.97 -8.20 -3.12
N ILE B 187 -0.18 -8.76 -2.78
CA ILE B 187 -0.26 -10.21 -2.51
C ILE B 187 -0.04 -11.00 -3.81
N ALA B 188 -0.64 -10.54 -4.93
CA ALA B 188 -0.41 -11.14 -6.25
C ALA B 188 1.11 -11.18 -6.61
N HIS B 189 1.76 -10.03 -6.47
CA HIS B 189 3.20 -9.93 -6.69
C HIS B 189 3.97 -10.89 -5.79
N HIS B 190 3.55 -11.02 -4.53
CA HIS B 190 4.20 -11.93 -3.58
C HIS B 190 4.12 -13.40 -4.01
N HIS B 191 2.93 -13.80 -4.44
CA HIS B 191 2.72 -15.16 -4.98
C HIS B 191 3.65 -15.41 -6.15
N LEU B 192 3.71 -14.46 -7.10
CA LEU B 192 4.59 -14.58 -8.25
C LEU B 192 6.07 -14.52 -7.91
N ASP B 193 6.47 -13.67 -6.96
CA ASP B 193 7.88 -13.58 -6.58
C ASP B 193 8.35 -14.88 -5.95
N ARG B 194 7.46 -15.55 -5.19
CA ARG B 194 7.82 -16.85 -4.57
C ARG B 194 8.13 -17.90 -5.63
N LEU B 195 7.36 -17.90 -6.72
CA LEU B 195 7.57 -18.81 -7.82
C LEU B 195 8.80 -18.46 -8.64
N GLN B 196 9.09 -17.17 -8.77
CA GLN B 196 10.18 -16.71 -9.63
C GLN B 196 11.57 -16.60 -8.98
N PHE B 197 11.63 -16.16 -7.72
CA PHE B 197 12.90 -15.74 -7.11
C PHE B 197 13.34 -16.54 -5.89
#